data_7YYK
#
_entry.id   7YYK
#
_cell.length_a   66.153
_cell.length_b   85.197
_cell.length_c   62.121
_cell.angle_alpha   90.00
_cell.angle_beta   90.00
_cell.angle_gamma   90.00
#
_symmetry.space_group_name_H-M   'C 2 2 21'
#
loop_
_entity.id
_entity.type
_entity.pdbx_description
1 polymer Thrombospondin-1
2 non-polymer alpha-L-fucopyranose
3 non-polymer 1,2-ETHANEDIOL
4 water water
#
_entity_poly.entity_id   1
_entity_poly.type   'polypeptide(L)'
_entity_poly.pdbx_seq_one_letter_code
;ADDGWSPWSEWTSCSTSCGNGIQQRGRSCDSLNNRCEGSSVQTRTCHIQECDKRFKQDGGWSHWSPWSSCSVTCGDGVIT
RIRLCNSPSPQMNGKPCEGEARETKACKKDACPINGGWGPWSPWDICSVTCGGGVQKRSRLCNNPTPQFGGKDCVGDVTE
NQICNKQDCP
;
_entity_poly.pdbx_strand_id   A
#
loop_
_chem_comp.id
_chem_comp.type
_chem_comp.name
_chem_comp.formula
EDO non-polymer 1,2-ETHANEDIOL 'C2 H6 O2'
FUC L-saccharide, alpha linking alpha-L-fucopyranose 'C6 H12 O5'
#
# COMPACT_ATOMS: atom_id res chain seq x y z
N GLN A 57 -13.16 47.81 -3.38
CA GLN A 57 -14.18 47.30 -4.34
C GLN A 57 -14.59 45.88 -3.95
N ASP A 58 -15.74 45.43 -4.47
CA ASP A 58 -16.30 44.06 -4.29
C ASP A 58 -15.32 43.02 -4.85
N GLY A 59 -15.04 41.95 -4.10
CA GLY A 59 -14.28 40.79 -4.61
C GLY A 59 -14.99 40.11 -5.77
N GLY A 60 -14.24 39.49 -6.69
CA GLY A 60 -14.76 38.70 -7.82
C GLY A 60 -13.92 37.45 -8.07
N TRP A 61 -14.58 36.32 -8.28
CA TRP A 61 -13.93 34.99 -8.51
C TRP A 61 -13.40 34.95 -9.93
N SER A 62 -12.24 34.32 -10.15
CA SER A 62 -11.75 33.95 -11.50
C SER A 62 -12.63 32.82 -12.02
N HIS A 63 -12.47 32.42 -13.27
CA HIS A 63 -12.95 31.09 -13.70
C HIS A 63 -12.17 30.02 -12.92
N TRP A 64 -12.75 28.84 -12.82
CA TRP A 64 -12.09 27.70 -12.16
C TRP A 64 -10.83 27.30 -12.90
N SER A 65 -9.92 26.57 -12.27
CA SER A 65 -8.76 25.97 -12.96
C SER A 65 -9.29 24.70 -13.63
N PRO A 66 -8.53 24.09 -14.57
CA PRO A 66 -8.76 22.68 -14.90
C PRO A 66 -8.73 21.77 -13.66
N TRP A 67 -9.46 20.67 -13.69
CA TRP A 67 -9.26 19.52 -12.77
C TRP A 67 -7.82 19.02 -12.95
N SER A 68 -7.08 18.86 -11.84
CA SER A 68 -5.93 17.90 -11.76
C SER A 68 -6.33 16.50 -12.28
N SER A 69 -5.36 15.77 -12.81
CA SER A 69 -5.30 14.27 -12.83
C SER A 69 -5.85 13.70 -11.52
N CYS A 70 -6.28 12.45 -11.55
CA CYS A 70 -6.58 11.68 -10.32
C CYS A 70 -5.32 11.58 -9.42
N SER A 71 -5.45 11.91 -8.14
CA SER A 71 -4.34 11.92 -7.14
C SER A 71 -3.64 10.54 -7.06
N VAL A 72 -4.29 9.44 -7.46
CA VAL A 72 -3.76 8.08 -7.23
C VAL A 72 -4.03 7.20 -8.45
N THR A 73 -3.13 6.28 -8.78
CA THR A 73 -3.18 5.46 -10.02
C THR A 73 -3.90 4.13 -9.78
N CYS A 74 -4.53 3.97 -8.61
CA CYS A 74 -5.39 2.81 -8.22
C CYS A 74 -6.04 3.11 -6.86
N GLY A 75 -7.19 2.50 -6.55
CA GLY A 75 -7.88 2.73 -5.28
C GLY A 75 -8.66 4.03 -5.34
N ASP A 76 -9.11 4.55 -4.20
CA ASP A 76 -9.99 5.74 -4.13
C ASP A 76 -9.10 6.99 -3.90
N GLY A 77 -9.01 7.85 -4.92
CA GLY A 77 -8.22 9.10 -4.90
C GLY A 77 -9.09 10.34 -4.85
N VAL A 78 -8.64 11.42 -5.50
CA VAL A 78 -9.29 12.77 -5.52
C VAL A 78 -8.75 13.55 -6.72
N ILE A 79 -9.53 14.48 -7.27
CA ILE A 79 -9.17 15.49 -8.32
C ILE A 79 -9.50 16.91 -7.81
N THR A 80 -8.63 17.88 -8.04
CA THR A 80 -8.79 19.24 -7.49
C THR A 80 -8.76 20.29 -8.60
N ARG A 81 -9.42 21.42 -8.34
CA ARG A 81 -9.39 22.64 -9.19
C ARG A 81 -9.54 23.85 -8.26
N ILE A 82 -9.00 24.99 -8.65
CA ILE A 82 -8.87 26.20 -7.76
C ILE A 82 -9.28 27.47 -8.52
N ARG A 83 -9.74 28.48 -7.76
CA ARG A 83 -10.09 29.82 -8.27
C ARG A 83 -9.54 30.86 -7.28
N LEU A 84 -9.24 32.05 -7.81
CA LEU A 84 -8.63 33.20 -7.08
C LEU A 84 -9.65 34.34 -6.97
N CYS A 85 -9.71 35.00 -5.82
CA CYS A 85 -10.44 36.28 -5.60
C CYS A 85 -9.58 37.40 -6.14
N ASN A 86 -9.42 37.42 -7.48
CA ASN A 86 -8.55 38.39 -8.20
C ASN A 86 -9.27 38.98 -9.44
N SER A 87 -10.60 38.78 -9.60
CA SER A 87 -11.34 39.13 -10.85
C SER A 87 -12.62 39.94 -10.59
N PRO A 88 -12.58 41.02 -9.79
CA PRO A 88 -11.35 41.61 -9.28
C PRO A 88 -10.99 41.30 -7.81
N SER A 89 -9.72 41.54 -7.48
CA SER A 89 -9.12 41.47 -6.12
C SER A 89 -9.87 42.46 -5.21
N PRO A 90 -10.45 42.01 -4.06
CA PRO A 90 -11.16 42.94 -3.17
C PRO A 90 -10.12 43.97 -2.70
N GLN A 91 -10.06 45.13 -3.37
CA GLN A 91 -8.94 46.09 -3.22
C GLN A 91 -9.02 46.73 -1.84
N MET A 92 -10.21 47.13 -1.40
CA MET A 92 -10.43 47.86 -0.12
C MET A 92 -11.92 48.10 0.11
N ASN A 93 -12.31 48.30 1.38
CA ASN A 93 -13.67 48.72 1.83
C ASN A 93 -14.76 47.80 1.27
N GLY A 94 -14.39 46.64 0.70
CA GLY A 94 -15.27 45.82 -0.17
C GLY A 94 -15.55 44.45 0.41
N LYS A 95 -16.66 43.82 0.00
CA LYS A 95 -17.08 42.47 0.47
C LYS A 95 -16.15 41.43 -0.14
N PRO A 96 -15.72 40.38 0.60
CA PRO A 96 -14.86 39.35 0.01
C PRO A 96 -15.60 38.59 -1.10
N CYS A 97 -14.98 37.55 -1.66
CA CYS A 97 -15.62 36.55 -2.57
C CYS A 97 -16.40 35.55 -1.70
N GLU A 98 -17.59 35.15 -2.17
CA GLU A 98 -18.51 34.20 -1.48
C GLU A 98 -18.20 32.76 -1.96
N GLY A 99 -17.90 31.86 -1.03
CA GLY A 99 -17.70 30.42 -1.30
C GLY A 99 -16.26 30.01 -1.05
N GLU A 100 -15.88 28.77 -1.36
CA GLU A 100 -14.48 28.30 -1.16
C GLU A 100 -13.74 28.32 -2.49
N ALA A 101 -12.43 28.53 -2.43
CA ALA A 101 -11.50 28.74 -3.56
C ALA A 101 -11.13 27.42 -4.22
N ARG A 102 -11.48 26.29 -3.61
CA ARG A 102 -11.00 24.94 -4.05
C ARG A 102 -12.18 23.98 -4.02
N GLU A 103 -12.36 23.21 -5.09
CA GLU A 103 -13.17 21.97 -5.09
C GLU A 103 -12.22 20.77 -5.08
N THR A 104 -12.49 19.80 -4.20
CA THR A 104 -11.96 18.42 -4.27
C THR A 104 -13.15 17.47 -4.54
N LYS A 105 -13.18 16.78 -5.69
CA LYS A 105 -14.12 15.65 -5.92
C LYS A 105 -13.34 14.34 -5.76
N ALA A 106 -14.04 13.22 -5.69
CA ALA A 106 -13.41 11.89 -5.59
C ALA A 106 -13.18 11.33 -7.00
N CYS A 107 -12.11 10.54 -7.17
CA CYS A 107 -11.85 9.64 -8.32
C CYS A 107 -11.58 8.23 -7.77
N LYS A 108 -12.14 7.21 -8.41
CA LYS A 108 -12.06 5.80 -7.96
C LYS A 108 -11.58 4.96 -9.13
N LYS A 109 -10.61 4.07 -8.91
CA LYS A 109 -10.12 3.15 -9.98
C LYS A 109 -9.87 1.77 -9.38
N ASP A 110 -9.43 0.84 -10.22
CA ASP A 110 -9.23 -0.58 -9.83
C ASP A 110 -8.30 -0.65 -8.61
N ALA A 111 -8.49 -1.70 -7.82
CA ALA A 111 -7.80 -1.95 -6.52
C ALA A 111 -6.27 -1.98 -6.75
N CYS A 112 -5.56 -1.38 -5.76
CA CYS A 112 -4.08 -1.38 -5.76
C CYS A 112 -3.61 -2.82 -5.55
N PRO A 113 -2.65 -3.23 -6.40
CA PRO A 113 -1.94 -4.48 -6.20
C PRO A 113 -1.68 -4.72 -4.71
N ILE A 114 -1.90 -5.95 -4.25
CA ILE A 114 -1.57 -6.39 -2.87
C ILE A 114 -0.43 -7.39 -3.01
N ASN A 115 0.75 -7.04 -2.51
CA ASN A 115 1.95 -7.92 -2.59
C ASN A 115 1.82 -9.07 -1.59
N GLY A 116 2.28 -10.24 -2.02
CA GLY A 116 2.48 -11.40 -1.12
C GLY A 116 3.20 -11.04 0.19
N GLY A 117 2.60 -11.46 1.32
CA GLY A 117 3.28 -11.63 2.62
C GLY A 117 3.47 -13.10 3.05
N TRP A 118 4.67 -13.47 3.53
CA TRP A 118 4.98 -14.76 4.23
C TRP A 118 4.18 -14.84 5.53
N GLY A 119 3.35 -15.86 5.67
CA GLY A 119 2.84 -16.21 7.01
C GLY A 119 3.93 -16.87 7.85
N PRO A 120 3.57 -17.32 9.06
CA PRO A 120 4.53 -17.89 9.98
C PRO A 120 5.05 -19.30 9.61
N TRP A 121 6.35 -19.52 9.83
CA TRP A 121 7.03 -20.83 9.69
C TRP A 121 6.32 -21.89 10.57
N SER A 122 6.15 -23.06 9.98
CA SER A 122 5.69 -24.27 10.72
C SER A 122 6.68 -24.56 11.85
N PRO A 123 6.22 -25.14 12.98
CA PRO A 123 7.17 -25.74 13.91
C PRO A 123 8.05 -26.72 13.12
N TRP A 124 9.32 -26.77 13.48
CA TRP A 124 10.23 -27.75 12.84
C TRP A 124 9.57 -29.12 12.87
N ASP A 125 9.77 -29.90 11.82
CA ASP A 125 9.56 -31.36 11.88
C ASP A 125 10.50 -31.92 12.97
N ILE A 126 10.09 -33.02 13.58
CA ILE A 126 10.99 -33.86 14.41
C ILE A 126 12.14 -34.37 13.52
N CYS A 127 13.34 -34.40 14.14
CA CYS A 127 14.61 -34.83 13.50
C CYS A 127 14.47 -36.27 12.99
N SER A 128 15.07 -36.55 11.83
CA SER A 128 15.06 -37.86 11.14
C SER A 128 15.68 -38.96 12.02
N VAL A 129 16.54 -38.59 12.98
CA VAL A 129 17.33 -39.50 13.87
C VAL A 129 17.43 -38.90 15.28
N THR A 130 17.55 -39.75 16.31
CA THR A 130 17.68 -39.28 17.72
C THR A 130 19.17 -39.04 18.02
N CYS A 131 20.07 -39.57 17.18
CA CYS A 131 21.52 -39.25 17.27
C CYS A 131 22.20 -39.45 15.91
N GLY A 132 23.43 -38.95 15.81
CA GLY A 132 24.35 -39.19 14.69
C GLY A 132 23.86 -38.53 13.42
N GLY A 133 23.48 -37.25 13.48
CA GLY A 133 23.29 -36.36 12.32
C GLY A 133 21.98 -36.64 11.56
N GLY A 134 20.99 -35.75 11.70
CA GLY A 134 19.69 -35.85 11.02
C GLY A 134 19.30 -34.55 10.31
N VAL A 135 18.16 -34.56 9.63
CA VAL A 135 17.56 -33.37 8.97
C VAL A 135 16.13 -33.16 9.48
N GLN A 136 15.77 -31.90 9.59
CA GLN A 136 14.38 -31.46 9.87
C GLN A 136 14.05 -30.28 8.94
N LYS A 137 12.78 -30.17 8.58
CA LYS A 137 12.23 -29.30 7.51
C LYS A 137 11.20 -28.40 8.20
N ARG A 138 10.98 -27.19 7.69
CA ARG A 138 9.80 -26.37 8.06
CA ARG A 138 9.83 -26.34 8.07
C ARG A 138 9.38 -25.64 6.79
N SER A 139 8.19 -25.10 6.80
CA SER A 139 7.56 -24.57 5.58
C SER A 139 6.72 -23.36 5.95
N ARG A 140 6.42 -22.53 4.95
CA ARG A 140 5.58 -21.31 5.11
C ARG A 140 4.76 -21.09 3.84
N LEU A 141 3.75 -20.24 3.94
CA LEU A 141 2.82 -19.98 2.80
C LEU A 141 2.88 -18.49 2.45
N CYS A 142 2.83 -18.19 1.16
CA CYS A 142 2.62 -16.81 0.65
C CYS A 142 1.11 -16.51 0.66
N ASN A 143 0.57 -16.14 1.82
CA ASN A 143 -0.88 -15.90 2.03
C ASN A 143 -1.14 -14.98 3.28
N ASN A 144 -0.05 -14.21 3.60
CA ASN A 144 -0.10 -13.27 4.75
C ASN A 144 0.37 -11.88 4.34
N PRO A 145 -0.21 -11.25 3.29
CA PRO A 145 -1.39 -11.75 2.61
C PRO A 145 -1.00 -12.52 1.30
N THR A 146 -2.02 -13.16 0.69
CA THR A 146 -1.93 -13.70 -0.70
C THR A 146 -1.79 -12.55 -1.71
N PRO A 147 -0.84 -12.67 -2.66
CA PRO A 147 -0.77 -11.76 -3.80
C PRO A 147 -2.13 -11.56 -4.49
N GLN A 148 -2.53 -10.30 -4.68
CA GLN A 148 -3.85 -9.93 -5.24
C GLN A 148 -3.69 -8.68 -6.12
N PHE A 149 -4.55 -8.54 -7.12
CA PHE A 149 -4.60 -7.42 -8.08
C PHE A 149 -3.21 -7.22 -8.72
N GLY A 150 -2.63 -8.30 -9.26
CA GLY A 150 -1.29 -8.32 -9.89
C GLY A 150 -0.16 -7.91 -8.94
N GLY A 151 -0.39 -7.88 -7.63
CA GLY A 151 0.65 -7.73 -6.58
C GLY A 151 1.76 -8.77 -6.76
N LYS A 152 2.97 -8.47 -6.26
CA LYS A 152 4.21 -9.30 -6.45
C LYS A 152 4.15 -10.55 -5.56
N ASP A 153 4.67 -11.67 -6.06
CA ASP A 153 4.84 -12.93 -5.29
C ASP A 153 5.81 -12.71 -4.11
N CYS A 154 5.80 -13.59 -3.10
CA CYS A 154 6.73 -13.48 -1.94
C CYS A 154 8.15 -13.83 -2.43
N VAL A 155 9.16 -13.27 -1.76
CA VAL A 155 10.58 -13.52 -2.13
C VAL A 155 11.23 -14.43 -1.09
N GLY A 156 11.89 -15.50 -1.52
CA GLY A 156 12.57 -16.43 -0.58
C GLY A 156 12.00 -17.83 -0.64
N ASP A 157 12.61 -18.74 0.11
CA ASP A 157 12.26 -20.19 0.07
C ASP A 157 10.91 -20.38 0.86
N VAL A 158 10.12 -21.36 0.30
CA VAL A 158 8.91 -21.94 0.95
C VAL A 158 9.35 -22.87 2.11
N THR A 159 10.60 -23.34 2.09
CA THR A 159 11.04 -24.47 2.93
C THR A 159 12.43 -24.16 3.52
N GLU A 160 12.72 -24.75 4.67
CA GLU A 160 14.08 -24.77 5.28
C GLU A 160 14.34 -26.18 5.78
N ASN A 161 15.57 -26.62 5.60
CA ASN A 161 16.08 -27.90 6.11
C ASN A 161 17.34 -27.60 6.94
N GLN A 162 17.47 -28.23 8.11
CA GLN A 162 18.65 -28.01 8.96
C GLN A 162 19.04 -29.35 9.61
N ILE A 163 20.31 -29.45 10.00
CA ILE A 163 20.86 -30.64 10.71
C ILE A 163 20.25 -30.65 12.11
N CYS A 164 20.25 -31.80 12.78
CA CYS A 164 19.74 -31.93 14.16
C CYS A 164 20.28 -33.24 14.74
N ASN A 165 20.55 -33.28 16.06
CA ASN A 165 21.02 -34.50 16.79
C ASN A 165 22.32 -35.03 16.15
N LYS A 166 23.33 -34.13 16.03
CA LYS A 166 24.63 -34.45 15.35
C LYS A 166 25.53 -35.18 16.35
N GLN A 167 25.33 -34.89 17.64
CA GLN A 167 25.81 -35.71 18.78
C GLN A 167 26.06 -37.14 18.30
N ASP A 168 27.30 -37.62 18.44
CA ASP A 168 27.73 -39.02 18.19
C ASP A 168 26.78 -39.97 18.96
N CYS A 169 26.52 -41.16 18.41
CA CYS A 169 25.61 -42.15 19.03
C CYS A 169 26.35 -42.91 20.14
N PRO A 170 25.64 -43.58 21.08
CA PRO A 170 26.29 -44.41 22.11
C PRO A 170 27.07 -45.60 21.51
C1 FUC B . 0.26 3.94 -9.79
C2 FUC B . 0.81 3.34 -8.51
C3 FUC B . 0.03 2.14 -8.04
C4 FUC B . -0.30 1.19 -9.19
C5 FUC B . -1.04 1.95 -10.27
C6 FUC B . -1.48 1.01 -11.40
O2 FUC B . 0.64 4.31 -7.47
O3 FUC B . 0.82 1.51 -7.04
O4 FUC B . 0.91 0.73 -9.77
O5 FUC B . -0.16 2.98 -10.77
C1 FUC C . 17.23 -42.30 19.64
C2 FUC C . 17.42 -43.75 19.21
C3 FUC C . 18.90 -43.98 18.85
C4 FUC C . 19.68 -43.61 20.11
C5 FUC C . 19.49 -42.15 20.44
C6 FUC C . 20.35 -41.75 21.63
O2 FUC C . 16.51 -44.07 18.15
O3 FUC C . 19.22 -45.28 18.36
O4 FUC C . 19.12 -44.27 21.23
O5 FUC C . 18.10 -41.92 20.72
C1 EDO D . -18.11 25.71 -13.66
O1 EDO D . -16.99 25.77 -14.59
C2 EDO D . -18.64 24.33 -13.42
O2 EDO D . -19.42 23.83 -14.49
#